data_6J2R
#
_entry.id   6J2R
#
_cell.length_a   43.628
_cell.length_b   83.483
_cell.length_c   84.077
_cell.angle_alpha   90.000
_cell.angle_beta   90.000
_cell.angle_gamma   90.000
#
_symmetry.space_group_name_H-M   'P 21 21 21'
#
loop_
_entity.id
_entity.type
_entity.pdbx_description
1 polymer 'Hyposensitive to light 8'
2 non-polymer GLYCEROL
3 water water
#
_entity_poly.entity_id   1
_entity_poly.type   'polypeptide(L)'
_entity_poly.pdbx_seq_one_letter_code
;MNNSVGSTHNVTILGSGETTVVLSHGYGTDQSVWKLFVPHLVDDYRVLLYDNMGAGTTNPDYFDFERYSSLEGYSYDLIA
ILDEFHVSKCIFVGHSMSAMAAAVASIFRPDLFHKLIMISPSPRLANAEDYYGGLEQKEIDEVVGSMEENYRSMALGSAP
LLLACDLESAAVQEYCRTLFNMRPDISCCMARMIFGLDLRPYLCHVTVPCHILQSSNDVMVPVAVVEYLSKNLGGPSVVE
VMPTEGHLPHLSAPEVTIPVVLRHIRHDIADQ
;
_entity_poly.pdbx_strand_id   A
#
loop_
_chem_comp.id
_chem_comp.type
_chem_comp.name
_chem_comp.formula
GOL non-polymer GLYCEROL 'C3 H8 O3'
#
# COMPACT_ATOMS: atom_id res chain seq x y z
N ASN A 3 5.24 -15.10 -20.06
CA ASN A 3 4.17 -14.24 -19.57
C ASN A 3 4.71 -12.86 -19.17
N SER A 4 4.05 -11.80 -19.63
CA SER A 4 4.47 -10.47 -19.23
C SER A 4 4.25 -10.26 -17.74
N VAL A 5 5.00 -9.31 -17.17
CA VAL A 5 4.79 -8.97 -15.76
C VAL A 5 3.38 -8.44 -15.55
N GLY A 6 2.86 -7.65 -16.49
CA GLY A 6 1.49 -7.20 -16.38
C GLY A 6 0.50 -8.35 -16.24
N SER A 7 0.65 -9.37 -17.09
N SER A 7 0.67 -9.38 -17.07
CA SER A 7 -0.28 -10.49 -17.07
CA SER A 7 -0.29 -10.49 -17.07
C SER A 7 -0.25 -11.23 -15.73
C SER A 7 -0.24 -11.29 -15.77
N THR A 8 0.96 -11.52 -15.23
CA THR A 8 1.05 -12.27 -13.97
C THR A 8 0.58 -11.47 -12.78
N HIS A 9 0.48 -10.14 -12.92
CA HIS A 9 -0.04 -9.28 -11.87
C HIS A 9 -1.45 -8.81 -12.16
N ASN A 10 -2.14 -9.42 -13.12
CA ASN A 10 -3.54 -9.09 -13.41
C ASN A 10 -3.76 -7.61 -13.67
N VAL A 11 -2.85 -6.99 -14.43
N VAL A 11 -2.85 -7.00 -14.43
CA VAL A 11 -2.97 -5.57 -14.71
CA VAL A 11 -2.97 -5.58 -14.72
C VAL A 11 -4.28 -5.26 -15.42
C VAL A 11 -4.29 -5.28 -15.43
N THR A 12 -4.92 -4.17 -15.02
CA THR A 12 -6.18 -3.71 -15.59
C THR A 12 -6.00 -2.24 -15.98
N ILE A 13 -6.40 -1.88 -17.19
CA ILE A 13 -6.48 -0.49 -17.62
C ILE A 13 -7.96 -0.12 -17.68
N LEU A 14 -8.33 0.94 -16.96
CA LEU A 14 -9.68 1.47 -17.01
C LEU A 14 -9.65 2.94 -17.39
N GLY A 15 -10.71 3.38 -18.10
CA GLY A 15 -10.81 4.78 -18.45
C GLY A 15 -9.84 5.13 -19.58
N SER A 16 -9.49 6.41 -19.65
N SER A 16 -9.48 6.40 -19.62
CA SER A 16 -8.59 6.91 -20.69
CA SER A 16 -8.56 6.91 -20.64
C SER A 16 -8.26 8.37 -20.41
C SER A 16 -8.18 8.33 -20.25
N GLY A 17 -7.02 8.76 -20.71
CA GLY A 17 -6.58 10.12 -20.50
C GLY A 17 -5.09 10.25 -20.76
N GLU A 18 -4.64 11.51 -20.77
CA GLU A 18 -3.23 11.78 -20.99
C GLU A 18 -2.38 11.38 -19.79
N THR A 19 -2.92 11.52 -18.58
CA THR A 19 -2.22 11.18 -17.36
C THR A 19 -2.70 9.84 -16.83
N THR A 20 -1.74 9.03 -16.37
CA THR A 20 -2.01 7.73 -15.79
C THR A 20 -2.03 7.85 -14.27
N VAL A 21 -3.12 7.38 -13.66
CA VAL A 21 -3.19 7.20 -12.22
C VAL A 21 -3.01 5.71 -11.95
N VAL A 22 -2.01 5.37 -11.15
CA VAL A 22 -1.72 3.99 -10.77
C VAL A 22 -2.29 3.78 -9.38
N LEU A 23 -3.13 2.76 -9.22
CA LEU A 23 -3.73 2.43 -7.94
C LEU A 23 -3.13 1.11 -7.48
N SER A 24 -2.42 1.15 -6.36
CA SER A 24 -1.67 -0.01 -5.86
C SER A 24 -2.15 -0.35 -4.46
N HIS A 25 -2.84 -1.48 -4.33
CA HIS A 25 -3.37 -1.93 -3.06
C HIS A 25 -2.25 -2.34 -2.10
N GLY A 26 -2.60 -2.46 -0.81
CA GLY A 26 -1.68 -2.91 0.20
C GLY A 26 -1.93 -4.33 0.66
N TYR A 27 -1.24 -4.70 1.73
CA TYR A 27 -1.30 -6.05 2.27
C TYR A 27 -2.73 -6.46 2.62
N GLY A 28 -3.06 -7.70 2.28
CA GLY A 28 -4.31 -8.31 2.65
C GLY A 28 -5.46 -8.02 1.71
N THR A 29 -5.22 -7.23 0.66
CA THR A 29 -6.27 -6.85 -0.28
C THR A 29 -5.78 -7.19 -1.68
N ASP A 30 -6.58 -6.86 -2.69
CA ASP A 30 -6.15 -6.93 -4.08
C ASP A 30 -6.67 -5.67 -4.78
N GLN A 31 -6.56 -5.61 -6.11
CA GLN A 31 -6.94 -4.38 -6.79
C GLN A 31 -8.41 -4.05 -6.64
N SER A 32 -9.24 -5.02 -6.23
CA SER A 32 -10.66 -4.76 -5.98
C SER A 32 -10.88 -3.78 -4.84
N VAL A 33 -9.86 -3.52 -4.00
CA VAL A 33 -9.99 -2.56 -2.92
C VAL A 33 -10.35 -1.18 -3.46
N TRP A 34 -10.05 -0.92 -4.74
CA TRP A 34 -10.24 0.40 -5.33
C TRP A 34 -11.58 0.54 -6.05
N LYS A 35 -12.48 -0.45 -5.91
CA LYS A 35 -13.70 -0.50 -6.72
C LYS A 35 -14.56 0.74 -6.57
N LEU A 36 -14.59 1.34 -5.39
CA LEU A 36 -15.43 2.53 -5.20
C LEU A 36 -14.72 3.82 -5.63
N PHE A 37 -13.40 3.77 -5.83
CA PHE A 37 -12.64 4.92 -6.29
C PHE A 37 -12.68 5.05 -7.80
N VAL A 38 -12.53 3.91 -8.49
N VAL A 38 -12.54 3.93 -8.52
CA VAL A 38 -12.38 3.91 -9.95
CA VAL A 38 -12.34 3.99 -9.97
C VAL A 38 -13.42 4.75 -10.69
C VAL A 38 -13.43 4.71 -10.77
N PRO A 39 -14.72 4.65 -10.39
CA PRO A 39 -15.70 5.44 -11.16
C PRO A 39 -15.45 6.94 -11.14
N HIS A 40 -14.76 7.46 -10.12
CA HIS A 40 -14.45 8.88 -10.00
C HIS A 40 -13.22 9.28 -10.81
N LEU A 41 -12.50 8.31 -11.38
CA LEU A 41 -11.25 8.59 -12.08
C LEU A 41 -11.32 8.34 -13.58
N VAL A 42 -12.17 7.42 -14.04
CA VAL A 42 -12.08 6.94 -15.42
C VAL A 42 -12.37 8.02 -16.45
N ASP A 43 -13.20 9.01 -16.12
CA ASP A 43 -13.53 10.05 -17.09
C ASP A 43 -12.33 10.90 -17.46
N ASP A 44 -11.39 11.07 -16.53
CA ASP A 44 -10.33 12.05 -16.70
C ASP A 44 -8.95 11.43 -16.78
N TYR A 45 -8.78 10.17 -16.39
CA TYR A 45 -7.46 9.56 -16.30
C TYR A 45 -7.47 8.16 -16.89
N ARG A 46 -6.29 7.73 -17.33
N ARG A 46 -6.32 7.77 -17.42
CA ARG A 46 -6.02 6.32 -17.61
CA ARG A 46 -5.99 6.36 -17.57
C ARG A 46 -5.63 5.65 -16.30
C ARG A 46 -5.77 5.82 -16.18
N VAL A 47 -6.49 4.76 -15.81
CA VAL A 47 -6.29 4.14 -14.49
C VAL A 47 -5.63 2.79 -14.69
N LEU A 48 -4.47 2.61 -14.09
CA LEU A 48 -3.76 1.34 -14.13
C LEU A 48 -3.81 0.72 -12.74
N LEU A 49 -4.39 -0.48 -12.63
CA LEU A 49 -4.41 -1.23 -11.38
C LEU A 49 -3.70 -2.55 -11.60
N TYR A 50 -3.13 -3.07 -10.52
CA TYR A 50 -2.54 -4.40 -10.59
C TYR A 50 -2.49 -4.99 -9.18
N ASP A 51 -2.27 -6.31 -9.13
CA ASP A 51 -2.18 -7.04 -7.87
C ASP A 51 -0.71 -7.24 -7.52
N ASN A 52 -0.36 -6.95 -6.27
CA ASN A 52 0.97 -7.27 -5.78
C ASN A 52 1.17 -8.78 -5.78
N MET A 53 2.36 -9.21 -6.15
CA MET A 53 2.62 -10.65 -6.18
C MET A 53 2.48 -11.22 -4.77
N GLY A 54 1.70 -12.29 -4.67
CA GLY A 54 1.35 -12.85 -3.38
C GLY A 54 -0.09 -12.61 -2.99
N ALA A 55 -0.76 -11.64 -3.62
CA ALA A 55 -2.20 -11.53 -3.41
C ALA A 55 -2.87 -12.83 -3.83
N GLY A 56 -4.00 -13.14 -3.19
CA GLY A 56 -4.68 -14.40 -3.46
C GLY A 56 -5.09 -14.59 -4.91
N THR A 57 -5.27 -13.50 -5.66
CA THR A 57 -5.60 -13.54 -7.08
C THR A 57 -4.40 -13.83 -7.97
N THR A 58 -3.20 -13.94 -7.41
CA THR A 58 -2.01 -14.23 -8.19
C THR A 58 -1.61 -15.70 -8.03
N ASN A 59 -0.85 -16.20 -9.00
CA ASN A 59 -0.46 -17.61 -9.03
C ASN A 59 0.73 -17.82 -8.09
N PRO A 60 0.66 -18.76 -7.13
CA PRO A 60 1.83 -19.03 -6.27
C PRO A 60 3.09 -19.41 -7.04
N ASP A 61 2.96 -19.91 -8.27
CA ASP A 61 4.14 -20.25 -9.06
C ASP A 61 5.05 -19.04 -9.27
N TYR A 62 4.50 -17.84 -9.22
CA TYR A 62 5.28 -16.62 -9.43
C TYR A 62 5.73 -15.99 -8.12
N PHE A 63 5.37 -16.55 -6.97
CA PHE A 63 5.79 -15.99 -5.69
C PHE A 63 7.14 -16.57 -5.30
N ASP A 64 8.19 -15.80 -5.53
CA ASP A 64 9.55 -16.16 -5.15
C ASP A 64 9.76 -15.68 -3.73
N PHE A 65 9.87 -16.62 -2.78
CA PHE A 65 9.93 -16.26 -1.37
C PHE A 65 11.14 -15.39 -1.04
N GLU A 66 12.27 -15.62 -1.71
CA GLU A 66 13.42 -14.75 -1.47
C GLU A 66 13.22 -13.36 -2.05
N ARG A 67 12.70 -13.27 -3.28
CA ARG A 67 12.49 -11.97 -3.92
C ARG A 67 11.57 -11.08 -3.10
N TYR A 68 10.50 -11.65 -2.56
CA TYR A 68 9.47 -10.87 -1.90
C TYR A 68 9.66 -10.78 -0.39
N SER A 69 10.80 -11.27 0.11
N SER A 69 10.80 -11.28 0.12
CA SER A 69 11.17 -11.05 1.50
CA SER A 69 11.17 -11.07 1.51
C SER A 69 11.85 -9.72 1.72
C SER A 69 11.85 -9.72 1.72
N SER A 70 12.01 -8.94 0.65
CA SER A 70 12.55 -7.59 0.74
C SER A 70 11.67 -6.69 -0.12
N LEU A 71 11.49 -5.45 0.32
CA LEU A 71 10.56 -4.55 -0.36
C LEU A 71 10.97 -4.31 -1.81
N GLU A 72 12.27 -4.37 -2.11
CA GLU A 72 12.70 -4.07 -3.47
C GLU A 72 12.11 -5.03 -4.50
N GLY A 73 11.74 -6.25 -4.12
CA GLY A 73 11.05 -7.13 -5.06
C GLY A 73 9.76 -6.50 -5.57
N TYR A 74 9.03 -5.82 -4.68
CA TYR A 74 7.82 -5.11 -5.06
C TYR A 74 8.13 -3.85 -5.85
N SER A 75 9.18 -3.13 -5.48
CA SER A 75 9.58 -1.94 -6.23
C SER A 75 9.96 -2.32 -7.67
N TYR A 76 10.71 -3.41 -7.83
CA TYR A 76 11.12 -3.85 -9.16
C TYR A 76 9.93 -4.27 -10.00
N ASP A 77 8.96 -4.97 -9.39
CA ASP A 77 7.76 -5.35 -10.15
C ASP A 77 7.01 -4.11 -10.62
N LEU A 78 6.89 -3.11 -9.75
CA LEU A 78 6.21 -1.87 -10.12
C LEU A 78 6.89 -1.21 -11.31
N ILE A 79 8.22 -1.09 -11.25
CA ILE A 79 8.95 -0.51 -12.36
C ILE A 79 8.70 -1.29 -13.65
N ALA A 80 8.76 -2.62 -13.58
CA ALA A 80 8.57 -3.43 -14.77
C ALA A 80 7.20 -3.24 -15.38
N ILE A 81 6.16 -3.18 -14.54
CA ILE A 81 4.80 -3.01 -15.04
C ILE A 81 4.63 -1.63 -15.68
N LEU A 82 5.11 -0.59 -15.01
CA LEU A 82 4.98 0.75 -15.58
C LEU A 82 5.71 0.84 -16.91
N ASP A 83 6.89 0.23 -17.02
CA ASP A 83 7.61 0.25 -18.30
C ASP A 83 6.85 -0.53 -19.38
N GLU A 84 6.22 -1.64 -19.01
CA GLU A 84 5.44 -2.40 -20.00
C GLU A 84 4.28 -1.58 -20.54
N PHE A 85 3.76 -0.64 -19.75
CA PHE A 85 2.70 0.25 -20.19
C PHE A 85 3.20 1.62 -20.59
N HIS A 86 4.51 1.74 -20.83
CA HIS A 86 5.10 2.97 -21.39
C HIS A 86 4.78 4.20 -20.55
N VAL A 87 4.70 4.01 -19.24
CA VAL A 87 4.28 5.09 -18.33
C VAL A 87 5.41 6.07 -18.14
N SER A 88 5.06 7.36 -18.10
CA SER A 88 5.99 8.42 -17.73
C SER A 88 5.25 9.33 -16.76
N LYS A 89 5.88 9.64 -15.63
CA LYS A 89 5.38 10.67 -14.71
C LYS A 89 3.92 10.43 -14.30
N CYS A 90 3.66 9.23 -13.79
CA CYS A 90 2.32 8.88 -13.36
C CYS A 90 1.98 9.54 -12.02
N ILE A 91 0.69 9.53 -11.70
CA ILE A 91 0.23 9.88 -10.36
C ILE A 91 -0.03 8.56 -9.65
N PHE A 92 0.78 8.26 -8.66
CA PHE A 92 0.73 6.96 -8.00
C PHE A 92 -0.03 7.08 -6.68
N VAL A 93 -0.98 6.17 -6.46
CA VAL A 93 -1.71 6.07 -5.18
C VAL A 93 -1.45 4.69 -4.61
N GLY A 94 -0.93 4.63 -3.39
CA GLY A 94 -0.64 3.36 -2.75
C GLY A 94 -1.07 3.37 -1.29
N HIS A 95 -1.23 2.17 -0.76
CA HIS A 95 -1.53 1.99 0.65
C HIS A 95 -0.30 1.44 1.36
N SER A 96 0.11 2.11 2.43
CA SER A 96 1.12 1.62 3.35
C SER A 96 2.37 1.11 2.64
N MET A 97 2.67 -0.17 2.78
CA MET A 97 3.96 -0.57 2.21
C MET A 97 3.97 -0.57 0.66
N SER A 98 2.82 -0.56 -0.01
N SER A 98 2.82 -0.57 0.00
CA SER A 98 2.88 -0.35 -1.46
CA SER A 98 2.84 -0.34 -1.44
C SER A 98 3.19 1.09 -1.81
C SER A 98 3.27 1.08 -1.76
N ALA A 99 2.88 2.03 -0.92
CA ALA A 99 3.34 3.40 -1.09
C ALA A 99 4.84 3.47 -0.85
N MET A 100 5.35 2.76 0.16
CA MET A 100 6.78 2.76 0.39
C MET A 100 7.55 2.05 -0.72
N ALA A 101 6.95 1.02 -1.34
CA ALA A 101 7.59 0.38 -2.49
C ALA A 101 7.75 1.37 -3.65
N ALA A 102 6.74 2.23 -3.84
CA ALA A 102 6.85 3.25 -4.88
C ALA A 102 7.88 4.31 -4.52
N ALA A 103 7.99 4.66 -3.24
CA ALA A 103 9.01 5.61 -2.82
C ALA A 103 10.41 5.07 -3.18
N VAL A 104 10.66 3.80 -2.87
CA VAL A 104 11.92 3.16 -3.25
C VAL A 104 12.07 3.14 -4.76
N ALA A 105 11.02 2.75 -5.48
CA ALA A 105 11.10 2.71 -6.95
C ALA A 105 11.45 4.08 -7.51
N SER A 106 10.94 5.15 -6.88
CA SER A 106 11.19 6.49 -7.39
C SER A 106 12.62 6.93 -7.19
N ILE A 107 13.36 6.33 -6.27
CA ILE A 107 14.80 6.61 -6.17
C ILE A 107 15.51 6.08 -7.42
N PHE A 108 15.16 4.86 -7.82
CA PHE A 108 15.77 4.24 -8.99
C PHE A 108 15.30 4.90 -10.28
N ARG A 109 14.01 5.23 -10.35
CA ARG A 109 13.35 5.61 -11.59
C ARG A 109 12.41 6.79 -11.36
N PRO A 110 12.97 7.97 -11.06
CA PRO A 110 12.10 9.13 -10.82
C PRO A 110 11.32 9.55 -12.06
N ASP A 111 11.77 9.15 -13.25
CA ASP A 111 11.04 9.44 -14.48
C ASP A 111 9.64 8.85 -14.47
N LEU A 112 9.40 7.82 -13.66
CA LEU A 112 8.12 7.15 -13.70
C LEU A 112 7.05 7.86 -12.89
N PHE A 113 7.42 8.82 -12.03
CA PHE A 113 6.50 9.32 -11.00
C PHE A 113 6.48 10.83 -10.98
N HIS A 114 5.28 11.40 -11.20
CA HIS A 114 5.07 12.83 -10.96
C HIS A 114 4.89 13.11 -9.48
N LYS A 115 4.13 12.27 -8.79
CA LYS A 115 3.92 12.42 -7.35
C LYS A 115 3.41 11.09 -6.80
N LEU A 116 3.65 10.89 -5.51
CA LEU A 116 3.20 9.71 -4.77
C LEU A 116 2.16 10.14 -3.76
N ILE A 117 1.00 9.50 -3.80
CA ILE A 117 -0.04 9.70 -2.81
C ILE A 117 -0.07 8.45 -1.94
N MET A 118 0.26 8.63 -0.66
CA MET A 118 0.60 7.54 0.23
C MET A 118 -0.45 7.48 1.33
N ILE A 119 -1.25 6.42 1.34
CA ILE A 119 -2.29 6.27 2.35
C ILE A 119 -1.73 5.46 3.51
N SER A 120 -1.67 6.07 4.68
CA SER A 120 -1.25 5.43 5.92
C SER A 120 0.14 4.80 5.83
N PRO A 121 1.16 5.55 5.41
CA PRO A 121 2.51 5.00 5.25
C PRO A 121 3.35 5.09 6.52
N SER A 122 4.32 4.18 6.58
CA SER A 122 5.32 4.22 7.66
C SER A 122 6.65 3.76 7.10
N PRO A 123 7.76 4.41 7.47
CA PRO A 123 9.08 3.91 7.06
C PRO A 123 9.58 2.75 7.91
N ARG A 124 8.95 2.50 9.07
CA ARG A 124 9.37 1.45 9.98
C ARG A 124 8.27 1.25 11.02
N LEU A 125 7.64 0.07 10.99
CA LEU A 125 6.57 -0.22 11.94
C LEU A 125 7.09 -0.62 13.31
N ALA A 126 8.30 -1.18 13.38
CA ALA A 126 8.86 -1.64 14.63
C ALA A 126 9.55 -0.51 15.39
N ASN A 127 9.44 -0.53 16.71
CA ASN A 127 10.21 0.40 17.51
C ASN A 127 11.70 0.14 17.33
N ALA A 128 12.48 1.19 17.57
CA ALA A 128 13.94 1.11 17.56
C ALA A 128 14.46 2.07 18.62
N GLU A 129 15.77 2.06 18.83
CA GLU A 129 16.34 3.00 19.78
C GLU A 129 15.98 4.43 19.36
N ASP A 130 15.37 5.18 20.28
CA ASP A 130 14.94 6.56 20.06
C ASP A 130 13.88 6.70 18.96
N TYR A 131 13.12 5.65 18.69
CA TYR A 131 12.13 5.69 17.59
C TYR A 131 10.91 4.87 17.99
N TYR A 132 9.74 5.50 18.02
CA TYR A 132 8.49 4.79 18.30
C TYR A 132 7.77 4.55 16.97
N GLY A 133 7.81 3.31 16.49
CA GLY A 133 7.15 2.94 15.25
C GLY A 133 5.73 2.45 15.49
N GLY A 134 5.48 1.89 16.67
CA GLY A 134 4.16 1.38 17.00
C GLY A 134 4.17 0.02 17.66
N LEU A 135 5.16 -0.82 17.36
CA LEU A 135 5.19 -2.19 17.86
C LEU A 135 6.59 -2.59 18.28
N GLU A 136 6.69 -3.24 19.44
CA GLU A 136 7.94 -3.85 19.86
C GLU A 136 8.23 -5.07 19.01
N GLN A 137 9.52 -5.34 18.82
CA GLN A 137 9.90 -6.54 18.08
C GLN A 137 9.29 -7.80 18.69
N LYS A 138 9.18 -7.87 20.02
CA LYS A 138 8.60 -9.08 20.61
C LYS A 138 7.13 -9.24 20.28
N GLU A 139 6.40 -8.12 20.20
CA GLU A 139 5.01 -8.24 19.77
C GLU A 139 4.93 -8.68 18.31
N ILE A 140 5.79 -8.14 17.45
CA ILE A 140 5.85 -8.60 16.07
C ILE A 140 6.11 -10.10 16.00
N ASP A 141 7.04 -10.60 16.84
CA ASP A 141 7.30 -12.04 16.88
C ASP A 141 6.05 -12.83 17.27
N GLU A 142 5.31 -12.34 18.27
CA GLU A 142 4.08 -13.01 18.67
C GLU A 142 3.06 -13.01 17.53
N VAL A 143 2.89 -11.86 16.87
CA VAL A 143 1.90 -11.74 15.79
C VAL A 143 2.24 -12.71 14.67
N VAL A 144 3.51 -12.70 14.24
CA VAL A 144 3.92 -13.57 13.14
C VAL A 144 3.83 -15.02 13.55
N GLY A 145 4.11 -15.33 14.82
CA GLY A 145 3.91 -16.68 15.31
C GLY A 145 2.44 -17.06 15.35
N SER A 146 1.58 -16.13 15.75
CA SER A 146 0.14 -16.40 15.78
C SER A 146 -0.41 -16.64 14.37
N MET A 147 0.02 -15.83 13.40
N MET A 147 0.01 -15.82 13.40
CA MET A 147 -0.44 -16.03 12.03
CA MET A 147 -0.40 -16.03 12.02
C MET A 147 0.05 -17.35 11.45
C MET A 147 0.00 -17.39 11.52
N GLU A 148 1.16 -17.89 11.96
CA GLU A 148 1.58 -19.23 11.58
C GLU A 148 0.70 -20.27 12.24
N GLU A 149 0.29 -20.03 13.47
CA GLU A 149 -0.54 -20.97 14.22
C GLU A 149 -1.93 -21.06 13.63
N ASN A 150 -2.71 -19.99 13.72
CA ASN A 150 -4.04 -19.92 13.10
C ASN A 150 -4.15 -18.63 12.31
N TYR A 151 -3.83 -18.75 11.02
CA TYR A 151 -3.87 -17.60 10.12
C TYR A 151 -5.24 -16.94 10.11
N ARG A 152 -6.31 -17.71 9.89
CA ARG A 152 -7.61 -17.09 9.68
C ARG A 152 -8.19 -16.52 10.97
N SER A 153 -7.94 -17.20 12.09
CA SER A 153 -8.36 -16.68 13.39
C SER A 153 -7.72 -15.33 13.64
N MET A 154 -6.43 -15.21 13.33
CA MET A 154 -5.74 -13.94 13.58
C MET A 154 -6.22 -12.86 12.62
N ALA A 155 -6.46 -13.22 11.36
CA ALA A 155 -6.95 -12.25 10.39
C ALA A 155 -8.28 -11.66 10.84
N LEU A 156 -9.21 -12.51 11.28
CA LEU A 156 -10.51 -12.02 11.72
C LEU A 156 -10.40 -11.24 13.02
N GLY A 157 -9.58 -11.71 13.96
CA GLY A 157 -9.44 -11.02 15.22
C GLY A 157 -8.82 -9.63 15.09
N SER A 158 -8.00 -9.43 14.05
CA SER A 158 -7.30 -8.16 13.84
C SER A 158 -8.07 -7.20 12.94
N ALA A 159 -8.96 -7.71 12.10
CA ALA A 159 -9.61 -6.87 11.10
C ALA A 159 -10.37 -5.70 11.70
N PRO A 160 -11.25 -5.88 12.71
CA PRO A 160 -11.94 -4.71 13.27
C PRO A 160 -11.02 -3.64 13.84
N LEU A 161 -9.94 -4.07 14.50
CA LEU A 161 -9.00 -3.12 15.09
C LEU A 161 -8.23 -2.37 14.02
N LEU A 162 -7.77 -3.08 12.98
CA LEU A 162 -7.03 -2.44 11.90
C LEU A 162 -7.90 -1.46 11.14
N LEU A 163 -9.17 -1.82 10.93
CA LEU A 163 -10.08 -1.00 10.14
C LEU A 163 -10.79 0.05 10.97
N ALA A 164 -10.77 -0.08 12.30
CA ALA A 164 -11.61 0.75 13.18
C ALA A 164 -13.08 0.65 12.79
N CYS A 165 -13.53 -0.59 12.54
CA CYS A 165 -14.89 -0.87 12.10
C CYS A 165 -15.43 -2.03 12.90
N ASP A 166 -16.76 -2.10 12.98
CA ASP A 166 -17.39 -3.20 13.68
C ASP A 166 -17.26 -4.50 12.90
N LEU A 167 -17.32 -5.61 13.64
CA LEU A 167 -17.14 -6.93 13.05
C LEU A 167 -18.11 -7.18 11.89
N GLU A 168 -19.37 -6.79 12.05
CA GLU A 168 -20.40 -7.08 11.05
C GLU A 168 -20.43 -6.08 9.89
N SER A 169 -19.40 -5.24 9.73
CA SER A 169 -19.42 -4.20 8.72
C SER A 169 -19.03 -4.77 7.36
N ALA A 170 -19.47 -4.06 6.30
CA ALA A 170 -19.01 -4.39 4.95
C ALA A 170 -17.50 -4.35 4.86
N ALA A 171 -16.87 -3.37 5.53
CA ALA A 171 -15.42 -3.23 5.43
C ALA A 171 -14.69 -4.47 5.96
N VAL A 172 -15.11 -4.95 7.13
CA VAL A 172 -14.49 -6.15 7.70
C VAL A 172 -14.73 -7.36 6.81
N GLN A 173 -15.95 -7.49 6.28
CA GLN A 173 -16.28 -8.61 5.40
C GLN A 173 -15.39 -8.60 4.16
N GLU A 174 -15.23 -7.42 3.55
CA GLU A 174 -14.43 -7.32 2.33
C GLU A 174 -12.97 -7.61 2.61
N TYR A 175 -12.44 -7.07 3.71
CA TYR A 175 -11.03 -7.26 4.06
C TYR A 175 -10.74 -8.72 4.38
N CYS A 176 -11.63 -9.38 5.13
CA CYS A 176 -11.40 -10.78 5.44
C CYS A 176 -11.47 -11.64 4.19
N ARG A 177 -12.34 -11.28 3.24
CA ARG A 177 -12.44 -12.07 2.02
C ARG A 177 -11.09 -12.14 1.30
N THR A 178 -10.40 -11.00 1.18
CA THR A 178 -9.12 -11.02 0.47
C THR A 178 -7.99 -11.56 1.34
N LEU A 179 -8.00 -11.24 2.64
N LEU A 179 -8.01 -11.27 2.64
CA LEU A 179 -7.00 -11.81 3.54
CA LEU A 179 -6.97 -11.83 3.51
C LEU A 179 -7.06 -13.32 3.51
C LEU A 179 -7.04 -13.34 3.57
N PHE A 180 -8.25 -13.90 3.65
CA PHE A 180 -8.42 -15.35 3.66
C PHE A 180 -8.11 -15.97 2.31
N ASN A 181 -8.11 -15.17 1.23
CA ASN A 181 -7.81 -15.67 -0.12
C ASN A 181 -6.31 -15.91 -0.33
N MET A 182 -5.46 -15.41 0.57
CA MET A 182 -4.03 -15.59 0.42
C MET A 182 -3.61 -16.93 1.01
N ARG A 183 -2.63 -17.55 0.38
CA ARG A 183 -2.05 -18.74 0.97
C ARG A 183 -1.33 -18.35 2.26
N PRO A 184 -1.53 -19.08 3.36
CA PRO A 184 -0.97 -18.63 4.64
C PRO A 184 0.55 -18.46 4.64
N ASP A 185 1.28 -19.35 3.96
CA ASP A 185 2.74 -19.23 3.98
C ASP A 185 3.20 -18.00 3.21
N ILE A 186 2.57 -17.72 2.08
CA ILE A 186 2.86 -16.51 1.33
C ILE A 186 2.49 -15.27 2.14
N SER A 187 1.33 -15.29 2.78
CA SER A 187 0.89 -14.15 3.57
C SER A 187 1.86 -13.89 4.73
N CYS A 188 2.32 -14.95 5.39
N CYS A 188 2.34 -14.96 5.38
CA CYS A 188 3.29 -14.76 6.47
CA CYS A 188 3.28 -14.81 6.48
C CYS A 188 4.59 -14.19 5.93
C CYS A 188 4.65 -14.30 6.00
N CYS A 189 5.07 -14.71 4.80
CA CYS A 189 6.28 -14.15 4.21
C CYS A 189 6.14 -12.65 3.99
N MET A 190 5.00 -12.22 3.41
CA MET A 190 4.78 -10.80 3.17
C MET A 190 4.70 -10.02 4.48
N ALA A 191 4.02 -10.57 5.48
CA ALA A 191 3.92 -9.88 6.78
C ALA A 191 5.29 -9.74 7.43
N ARG A 192 6.12 -10.78 7.38
CA ARG A 192 7.46 -10.68 7.94
C ARG A 192 8.26 -9.59 7.24
N MET A 193 8.15 -9.51 5.92
CA MET A 193 8.83 -8.45 5.18
C MET A 193 8.35 -7.09 5.63
N ILE A 194 7.03 -6.93 5.78
CA ILE A 194 6.44 -5.64 6.12
C ILE A 194 6.89 -5.20 7.51
N PHE A 195 6.83 -6.11 8.48
CA PHE A 195 7.22 -5.79 9.84
C PHE A 195 8.71 -5.55 9.99
N GLY A 196 9.54 -6.11 9.09
CA GLY A 196 10.98 -5.98 9.17
C GLY A 196 11.55 -4.82 8.39
N LEU A 197 10.73 -4.11 7.62
CA LEU A 197 11.23 -3.07 6.76
C LEU A 197 11.70 -1.86 7.58
N ASP A 198 12.80 -1.25 7.16
CA ASP A 198 13.28 -0.01 7.78
C ASP A 198 13.82 0.88 6.65
N LEU A 199 13.00 1.83 6.23
CA LEU A 199 13.39 2.74 5.16
C LEU A 199 13.90 4.07 5.68
N ARG A 200 14.04 4.22 7.01
CA ARG A 200 14.54 5.48 7.57
C ARG A 200 15.82 5.99 6.90
N PRO A 201 16.84 5.18 6.64
CA PRO A 201 18.07 5.72 6.04
C PRO A 201 17.90 6.25 4.62
N TYR A 202 16.82 5.85 3.93
CA TYR A 202 16.68 6.14 2.51
C TYR A 202 15.69 7.25 2.21
N LEU A 203 14.97 7.77 3.21
CA LEU A 203 13.99 8.81 2.96
C LEU A 203 14.63 10.05 2.32
N CYS A 204 15.86 10.37 2.71
CA CYS A 204 16.51 11.55 2.17
C CYS A 204 16.78 11.44 0.68
N HIS A 205 16.78 10.23 0.12
CA HIS A 205 17.01 10.03 -1.30
C HIS A 205 15.73 10.12 -2.12
N VAL A 206 14.57 10.12 -1.47
CA VAL A 206 13.31 10.27 -2.17
C VAL A 206 13.09 11.75 -2.45
N THR A 207 12.95 12.12 -3.73
CA THR A 207 12.78 13.52 -4.08
C THR A 207 11.47 13.81 -4.81
N VAL A 208 10.76 12.80 -5.29
N VAL A 208 10.75 12.80 -5.27
CA VAL A 208 9.45 13.04 -5.89
CA VAL A 208 9.45 13.01 -5.90
C VAL A 208 8.53 13.59 -4.81
C VAL A 208 8.46 13.50 -4.84
N PRO A 209 7.60 14.48 -5.15
CA PRO A 209 6.64 14.97 -4.14
C PRO A 209 5.76 13.87 -3.58
N CYS A 210 5.58 13.91 -2.26
CA CYS A 210 4.86 12.87 -1.53
C CYS A 210 3.71 13.52 -0.77
N HIS A 211 2.50 13.01 -0.99
CA HIS A 211 1.29 13.45 -0.32
C HIS A 211 0.92 12.36 0.67
N ILE A 212 1.05 12.63 1.95
CA ILE A 212 0.85 11.63 3.01
C ILE A 212 -0.54 11.80 3.58
N LEU A 213 -1.38 10.79 3.44
CA LEU A 213 -2.76 10.81 3.91
C LEU A 213 -2.87 9.89 5.12
N GLN A 214 -3.21 10.45 6.27
CA GLN A 214 -3.09 9.79 7.55
C GLN A 214 -4.45 9.78 8.23
N SER A 215 -4.86 8.64 8.78
CA SER A 215 -6.11 8.65 9.52
C SER A 215 -5.92 9.34 10.88
N SER A 216 -7.04 9.67 11.53
CA SER A 216 -6.98 10.35 12.81
C SER A 216 -6.60 9.42 13.97
N ASN A 217 -6.57 8.11 13.74
CA ASN A 217 -6.20 7.17 14.79
C ASN A 217 -5.89 5.84 14.09
N ASP A 218 -4.61 5.57 13.88
CA ASP A 218 -4.15 4.38 13.16
C ASP A 218 -3.27 3.59 14.13
N VAL A 219 -3.73 2.38 14.50
CA VAL A 219 -2.98 1.57 15.44
C VAL A 219 -1.58 1.24 14.93
N MET A 220 -1.40 1.18 13.61
CA MET A 220 -0.10 0.85 13.04
C MET A 220 0.78 2.06 12.78
N VAL A 221 0.21 3.27 12.75
CA VAL A 221 0.95 4.46 12.34
C VAL A 221 0.64 5.58 13.32
N PRO A 222 1.43 5.72 14.37
CA PRO A 222 1.30 6.89 15.25
C PRO A 222 1.52 8.15 14.44
N VAL A 223 0.83 9.22 14.84
CA VAL A 223 0.95 10.47 14.07
C VAL A 223 2.38 10.98 14.01
N ALA A 224 3.17 10.78 15.07
CA ALA A 224 4.55 11.24 15.04
C ALA A 224 5.36 10.54 13.95
N VAL A 225 4.92 9.35 13.51
CA VAL A 225 5.62 8.65 12.44
C VAL A 225 5.43 9.33 11.10
N VAL A 226 4.21 9.80 10.80
CA VAL A 226 4.07 10.53 9.53
C VAL A 226 4.74 11.89 9.60
N GLU A 227 4.79 12.51 10.78
CA GLU A 227 5.55 13.75 10.90
C GLU A 227 7.03 13.50 10.65
N TYR A 228 7.56 12.41 11.21
CA TYR A 228 8.95 12.01 10.96
C TYR A 228 9.18 11.71 9.48
N LEU A 229 8.24 11.01 8.84
CA LEU A 229 8.38 10.71 7.42
C LEU A 229 8.46 11.98 6.59
N SER A 230 7.55 12.91 6.83
CA SER A 230 7.54 14.14 6.06
C SER A 230 8.81 14.95 6.29
N LYS A 231 9.26 15.03 7.55
CA LYS A 231 10.48 15.76 7.87
C LYS A 231 11.69 15.22 7.13
N ASN A 232 11.76 13.90 6.97
CA ASN A 232 12.98 13.26 6.47
C ASN A 232 12.97 12.97 4.97
N LEU A 233 11.81 13.04 4.30
CA LEU A 233 11.79 12.91 2.85
C LEU A 233 12.63 14.01 2.21
N GLY A 234 13.31 13.67 1.11
CA GLY A 234 14.23 14.61 0.49
C GLY A 234 13.59 15.65 -0.41
N GLY A 235 12.34 15.43 -0.83
CA GLY A 235 11.65 16.38 -1.69
C GLY A 235 10.43 16.98 -1.01
N PRO A 236 9.57 17.63 -1.80
CA PRO A 236 8.37 18.23 -1.22
C PRO A 236 7.47 17.17 -0.62
N SER A 237 6.81 17.53 0.49
CA SER A 237 5.84 16.61 1.08
C SER A 237 4.79 17.41 1.83
N VAL A 238 3.61 16.80 1.98
CA VAL A 238 2.52 17.35 2.77
C VAL A 238 1.87 16.19 3.52
N VAL A 239 1.39 16.48 4.72
CA VAL A 239 0.63 15.54 5.53
C VAL A 239 -0.78 16.08 5.71
N GLU A 240 -1.78 15.25 5.42
CA GLU A 240 -3.17 15.57 5.71
C GLU A 240 -3.76 14.49 6.60
N VAL A 241 -4.20 14.88 7.79
CA VAL A 241 -4.88 13.98 8.70
C VAL A 241 -6.37 14.05 8.42
N MET A 242 -6.96 12.93 8.08
CA MET A 242 -8.33 12.81 7.66
C MET A 242 -9.22 12.43 8.83
N PRO A 243 -10.48 12.89 8.83
CA PRO A 243 -11.41 12.65 9.94
C PRO A 243 -12.04 11.26 9.88
N THR A 244 -11.21 10.24 9.92
CA THR A 244 -11.67 8.86 10.00
C THR A 244 -10.52 8.04 10.57
N GLU A 245 -10.85 6.91 11.19
CA GLU A 245 -9.89 6.13 11.95
C GLU A 245 -9.48 4.87 11.20
N GLY A 246 -8.43 4.21 11.71
CA GLY A 246 -7.99 2.92 11.19
C GLY A 246 -6.80 3.02 10.26
N HIS A 247 -6.34 1.85 9.83
CA HIS A 247 -5.16 1.75 9.00
C HIS A 247 -5.47 1.59 7.52
N LEU A 248 -6.73 1.35 7.14
CA LEU A 248 -7.12 1.23 5.74
C LEU A 248 -8.28 2.17 5.46
N PRO A 249 -8.09 3.48 5.59
CA PRO A 249 -9.23 4.41 5.46
C PRO A 249 -9.84 4.42 4.07
N HIS A 250 -9.09 4.04 3.03
CA HIS A 250 -9.68 3.95 1.70
C HIS A 250 -10.69 2.82 1.63
N LEU A 251 -10.50 1.76 2.42
N LEU A 251 -10.49 1.76 2.43
CA LEU A 251 -11.43 0.63 2.47
CA LEU A 251 -11.41 0.63 2.48
C LEU A 251 -12.58 0.92 3.43
C LEU A 251 -12.58 0.90 3.43
N SER A 252 -12.28 1.37 4.65
CA SER A 252 -13.32 1.53 5.66
C SER A 252 -14.18 2.78 5.47
N ALA A 253 -13.61 3.86 4.92
CA ALA A 253 -14.32 5.14 4.87
C ALA A 253 -14.12 5.81 3.52
N PRO A 254 -14.61 5.19 2.44
CA PRO A 254 -14.48 5.83 1.12
C PRO A 254 -15.16 7.20 1.05
N GLU A 255 -16.22 7.41 1.83
CA GLU A 255 -16.91 8.70 1.79
C GLU A 255 -16.02 9.84 2.28
N VAL A 256 -15.06 9.56 3.15
CA VAL A 256 -14.07 10.54 3.57
C VAL A 256 -12.86 10.53 2.64
N THR A 257 -12.36 9.34 2.34
CA THR A 257 -11.05 9.21 1.71
C THR A 257 -11.08 9.52 0.22
N ILE A 258 -12.17 9.20 -0.49
CA ILE A 258 -12.22 9.49 -1.93
C ILE A 258 -12.08 10.98 -2.23
N PRO A 259 -12.82 11.88 -1.60
CA PRO A 259 -12.60 13.31 -1.88
C PRO A 259 -11.19 13.78 -1.56
N VAL A 260 -10.58 13.25 -0.49
CA VAL A 260 -9.21 13.65 -0.16
C VAL A 260 -8.24 13.18 -1.24
N VAL A 261 -8.35 11.91 -1.64
CA VAL A 261 -7.47 11.36 -2.67
C VAL A 261 -7.65 12.12 -3.97
N LEU A 262 -8.91 12.39 -4.37
CA LEU A 262 -9.13 13.14 -5.61
C LEU A 262 -8.46 14.51 -5.57
N ARG A 263 -8.57 15.22 -4.43
CA ARG A 263 -7.94 16.53 -4.30
C ARG A 263 -6.43 16.42 -4.46
N HIS A 264 -5.81 15.40 -3.87
CA HIS A 264 -4.36 15.27 -4.01
C HIS A 264 -3.93 14.80 -5.39
N ILE A 265 -4.80 14.04 -6.09
CA ILE A 265 -4.52 13.72 -7.49
C ILE A 265 -4.58 14.98 -8.34
N ARG A 266 -5.58 15.83 -8.10
CA ARG A 266 -5.85 16.97 -8.97
C ARG A 266 -4.93 18.16 -8.72
N HIS A 267 -4.31 18.25 -7.54
CA HIS A 267 -3.56 19.45 -7.17
C HIS A 267 -2.17 19.06 -6.72
N ASP A 268 -1.16 19.70 -7.31
CA ASP A 268 0.21 19.51 -6.87
C ASP A 268 0.48 20.37 -5.64
N ILE A 269 1.54 20.03 -4.92
CA ILE A 269 1.98 20.86 -3.81
C ILE A 269 2.41 22.24 -4.32
C1 GOL B . 7.85 8.48 15.97
O1 GOL B . 6.99 8.10 17.00
C2 GOL B . 9.07 9.19 16.60
O2 GOL B . 9.85 8.34 17.41
C3 GOL B . 9.85 9.72 15.37
O3 GOL B . 10.69 10.69 15.83
#